data_1FKM
#
_entry.id   1FKM
#
_cell.length_a   74.060
_cell.length_b   74.060
_cell.length_c   277.753
_cell.angle_alpha   90.00
_cell.angle_beta   90.00
_cell.angle_gamma   120.00
#
_symmetry.space_group_name_H-M   'P 65 2 2'
#
loop_
_entity.id
_entity.type
_entity.pdbx_description
1 polymer 'PROTEIN (GYP1P)'
2 water water
#
_entity_poly.entity_id   1
_entity_poly.type   'polypeptide(L)'
_entity_poly.pdbx_seq_one_letter_code
;(MSE)NSIIQRISKFDNILKDKTIINQQDLRQISWNGIPKIHRPVVWKLLIGYLPVNTKRQEGFLQRKRKEYRDSLKHTF
SDQHSRDIPTWHQIEIDIPRTNPHIPLYQFKSVQNSLQRILYLWAIRHPASGYVQGINDLVTPFFETFLTEYLPPSQIDD
VEIKDPSTY(MSE)VDEQITDLEADTFWCLTKLLEQITDNYIHGQPGILRQVKNLSQLVKRIDADLYNHFQNEHVEFIQF
AFRW(MSE)NCLL(MSE)REFQ(MSE)GTVIR(MSE)WDTYLSETSQEVTSSYS(MSE)SSNDIKPPVTPTEPRVASFVT
PTKDFQSPTTALSN(MSE)TPNNAVEDSGK(MSE)RQSSLNEFHVFVCAAFLIKWSDQL(MSE)E(MSE)DFQETITFLQ
NPPTKDWTETDIE(MSE)LLSEAFIWQSLYKDATSHWLHHHHHH
;
_entity_poly.pdbx_strand_id   A
#
# COMPACT_ATOMS: atom_id res chain seq x y z
N ASN A 2 4.58 21.73 16.70
CA ASN A 2 4.96 20.70 15.70
C ASN A 2 4.99 21.27 14.29
N SER A 3 5.90 22.22 14.07
CA SER A 3 6.04 22.85 12.76
C SER A 3 6.60 21.86 11.73
N ILE A 4 6.33 22.14 10.46
CA ILE A 4 6.79 21.29 9.37
C ILE A 4 8.31 21.19 9.39
N ILE A 5 8.98 22.34 9.51
CA ILE A 5 10.44 22.38 9.54
C ILE A 5 11.01 21.64 10.75
N GLN A 6 10.39 21.85 11.90
CA GLN A 6 10.81 21.21 13.14
C GLN A 6 10.67 19.69 13.01
N ARG A 7 9.54 19.25 12.48
CA ARG A 7 9.29 17.82 12.33
C ARG A 7 10.34 17.18 11.45
N ILE A 8 10.74 17.88 10.39
CA ILE A 8 11.76 17.38 9.48
C ILE A 8 13.06 17.21 10.26
N SER A 9 13.34 18.15 11.15
CA SER A 9 14.56 18.09 11.96
C SER A 9 14.54 16.92 12.94
N LYS A 10 13.37 16.63 13.52
CA LYS A 10 13.25 15.51 14.45
C LYS A 10 13.58 14.21 13.74
N PHE A 11 13.08 14.05 12.51
CA PHE A 11 13.38 12.83 11.76
C PHE A 11 14.86 12.81 11.40
N ASP A 12 15.42 13.98 11.06
CA ASP A 12 16.83 14.05 10.69
C ASP A 12 17.75 13.51 11.79
N ASN A 13 17.50 13.90 13.03
CA ASN A 13 18.31 13.44 14.14
C ASN A 13 18.12 11.96 14.46
N ILE A 14 17.01 11.40 14.02
CA ILE A 14 16.75 9.97 14.24
C ILE A 14 17.45 9.19 13.13
N LEU A 15 17.43 9.75 11.93
CA LEU A 15 18.01 9.09 10.77
C LEU A 15 19.48 9.36 10.44
N LYS A 16 19.96 10.56 10.75
CA LYS A 16 21.33 10.92 10.42
C LYS A 16 22.33 10.99 11.57
N ASP A 17 23.56 10.58 11.30
CA ASP A 17 24.64 10.58 12.28
C ASP A 17 24.28 9.82 13.56
N LYS A 18 23.90 8.55 13.42
CA LYS A 18 23.52 7.74 14.57
C LYS A 18 24.08 6.31 14.47
N THR A 19 24.62 5.98 13.30
CA THR A 19 25.18 4.65 13.03
C THR A 19 24.09 3.58 12.97
N ILE A 20 23.47 3.28 14.10
CA ILE A 20 22.39 2.29 14.14
C ILE A 20 21.08 3.00 14.44
N ILE A 21 20.19 3.07 13.45
CA ILE A 21 18.91 3.75 13.62
C ILE A 21 18.00 3.04 14.61
N ASN A 22 17.44 3.80 15.55
CA ASN A 22 16.54 3.24 16.56
C ASN A 22 15.12 3.05 16.01
N GLN A 23 14.82 1.81 15.63
CA GLN A 23 13.52 1.43 15.08
C GLN A 23 12.34 1.87 15.96
N GLN A 24 12.50 1.73 17.27
CA GLN A 24 11.45 2.13 18.21
C GLN A 24 11.12 3.60 18.10
N ASP A 25 12.14 4.45 18.18
CA ASP A 25 11.92 5.89 18.08
C ASP A 25 11.28 6.22 16.73
N LEU A 26 11.77 5.58 15.68
CA LEU A 26 11.26 5.84 14.33
C LEU A 26 9.77 5.48 14.18
N ARG A 27 9.39 4.31 14.69
CA ARG A 27 8.00 3.87 14.61
C ARG A 27 7.09 4.81 15.40
N GLN A 28 7.55 5.22 16.57
CA GLN A 28 6.77 6.11 17.43
C GLN A 28 6.39 7.43 16.76
N ILE A 29 7.35 8.10 16.16
CA ILE A 29 7.08 9.38 15.51
C ILE A 29 6.39 9.21 14.16
N SER A 30 6.76 8.16 13.42
CA SER A 30 6.19 7.93 12.09
C SER A 30 4.69 7.63 12.11
N TRP A 31 4.19 7.11 13.23
CA TRP A 31 2.78 6.78 13.35
C TRP A 31 1.92 8.00 13.04
N ASN A 32 2.41 9.17 13.42
CA ASN A 32 1.68 10.40 13.22
C ASN A 32 1.98 11.11 11.91
N GLY A 33 2.61 10.42 10.97
CA GLY A 33 2.91 11.03 9.68
C GLY A 33 4.39 11.27 9.45
N ILE A 34 4.83 11.02 8.22
CA ILE A 34 6.22 11.18 7.86
C ILE A 34 6.39 12.31 6.84
N PRO A 35 7.29 13.27 7.12
CA PRO A 35 7.54 14.39 6.20
C PRO A 35 7.84 13.79 4.82
N LYS A 36 7.27 14.36 3.77
CA LYS A 36 7.48 13.81 2.44
C LYS A 36 8.93 13.58 2.05
N ILE A 37 9.82 14.49 2.43
CA ILE A 37 11.23 14.31 2.06
C ILE A 37 11.85 13.05 2.69
N HIS A 38 11.29 12.60 3.81
CA HIS A 38 11.82 11.41 4.50
C HIS A 38 11.14 10.09 4.17
N ARG A 39 9.99 10.13 3.52
CA ARG A 39 9.28 8.88 3.23
C ARG A 39 10.07 7.76 2.57
N PRO A 40 10.82 8.06 1.50
CA PRO A 40 11.58 6.97 0.84
C PRO A 40 12.38 6.15 1.84
N VAL A 41 13.29 6.80 2.56
CA VAL A 41 14.12 6.12 3.54
C VAL A 41 13.34 5.48 4.68
N VAL A 42 12.44 6.24 5.29
CA VAL A 42 11.67 5.72 6.42
C VAL A 42 10.77 4.55 6.06
N TRP A 43 10.12 4.60 4.89
CA TRP A 43 9.28 3.47 4.48
C TRP A 43 10.13 2.20 4.32
N LYS A 44 11.30 2.35 3.72
CA LYS A 44 12.18 1.19 3.52
C LYS A 44 12.67 0.63 4.84
N LEU A 45 12.91 1.50 5.81
CA LEU A 45 13.35 1.05 7.14
C LEU A 45 12.21 0.36 7.88
N LEU A 46 11.03 0.96 7.86
CA LEU A 46 9.89 0.38 8.58
C LEU A 46 9.40 -0.96 8.04
N ILE A 47 9.47 -1.15 6.73
CA ILE A 47 8.99 -2.39 6.14
C ILE A 47 10.02 -3.52 6.24
N GLY A 48 11.21 -3.19 6.75
CA GLY A 48 12.24 -4.19 6.92
C GLY A 48 13.12 -4.45 5.72
N TYR A 49 13.23 -3.47 4.83
CA TYR A 49 14.04 -3.62 3.63
C TYR A 49 15.43 -3.06 3.92
N LEU A 50 15.49 -1.75 4.15
CA LEU A 50 16.76 -1.11 4.45
C LEU A 50 17.21 -1.47 5.87
N PRO A 51 18.46 -1.96 6.02
CA PRO A 51 18.92 -2.30 7.37
C PRO A 51 19.09 -1.07 8.25
N VAL A 52 18.79 -1.21 9.55
CA VAL A 52 18.93 -0.08 10.46
C VAL A 52 20.39 0.29 10.71
N ASN A 53 21.30 -0.66 10.52
CA ASN A 53 22.74 -0.37 10.69
C ASN A 53 23.17 0.31 9.39
N THR A 54 23.38 1.61 9.45
CA THR A 54 23.77 2.39 8.27
C THR A 54 25.01 1.87 7.55
N LYS A 55 25.94 1.29 8.29
CA LYS A 55 27.16 0.76 7.69
C LYS A 55 26.91 -0.42 6.77
N ARG A 56 25.73 -1.03 6.87
CA ARG A 56 25.39 -2.19 6.05
C ARG A 56 24.46 -1.88 4.89
N GLN A 57 24.00 -0.64 4.81
CA GLN A 57 23.06 -0.25 3.76
C GLN A 57 23.61 -0.27 2.33
N GLU A 58 24.77 0.33 2.12
CA GLU A 58 25.36 0.37 0.79
C GLU A 58 25.49 -1.02 0.17
N GLY A 59 26.10 -1.93 0.93
CA GLY A 59 26.28 -3.29 0.44
C GLY A 59 24.97 -4.01 0.26
N PHE A 60 24.05 -3.78 1.20
CA PHE A 60 22.74 -4.41 1.14
C PHE A 60 22.02 -4.06 -0.16
N LEU A 61 21.97 -2.76 -0.47
CA LEU A 61 21.29 -2.27 -1.67
C LEU A 61 21.96 -2.79 -2.95
N GLN A 62 23.29 -2.78 -2.99
CA GLN A 62 23.99 -3.26 -4.16
C GLN A 62 23.61 -4.71 -4.44
N ARG A 63 23.60 -5.53 -3.40
CA ARG A 63 23.25 -6.94 -3.55
C ARG A 63 21.79 -7.16 -3.91
N LYS A 64 20.88 -6.40 -3.29
CA LYS A 64 19.46 -6.56 -3.59
C LYS A 64 19.12 -6.08 -5.00
N ARG A 65 19.71 -4.96 -5.40
CA ARG A 65 19.45 -4.40 -6.72
C ARG A 65 20.06 -5.28 -7.80
N LYS A 66 21.20 -5.89 -7.49
CA LYS A 66 21.85 -6.79 -8.44
C LYS A 66 21.01 -8.07 -8.56
N GLU A 67 20.46 -8.52 -7.44
CA GLU A 67 19.63 -9.73 -7.42
C GLU A 67 18.37 -9.53 -8.26
N TYR A 68 17.77 -8.34 -8.17
CA TYR A 68 16.59 -8.03 -8.95
C TYR A 68 16.92 -8.18 -10.43
N ARG A 69 18.01 -7.54 -10.85
CA ARG A 69 18.47 -7.57 -12.23
C ARG A 69 18.72 -9.00 -12.71
N ASP A 70 19.47 -9.76 -11.93
CA ASP A 70 19.79 -11.14 -12.29
C ASP A 70 18.53 -12.00 -12.41
N SER A 71 17.62 -11.83 -11.45
CA SER A 71 16.38 -12.59 -11.45
C SER A 71 15.55 -12.30 -12.70
N LEU A 72 15.49 -11.03 -13.07
CA LEU A 72 14.73 -10.62 -14.24
C LEU A 72 15.40 -11.15 -15.51
N LYS A 73 16.73 -11.09 -15.53
CA LYS A 73 17.49 -11.57 -16.68
C LYS A 73 17.27 -13.07 -16.83
N HIS A 74 17.27 -13.78 -15.71
CA HIS A 74 17.08 -15.22 -15.70
C HIS A 74 15.66 -15.60 -16.12
N THR A 75 14.68 -14.79 -15.73
CA THR A 75 13.29 -15.07 -16.06
C THR A 75 12.88 -14.65 -17.47
N PHE A 76 13.85 -14.16 -18.26
CA PHE A 76 13.56 -13.75 -19.63
C PHE A 76 14.21 -14.67 -20.66
N SER A 77 13.38 -15.16 -21.58
CA SER A 77 13.81 -16.07 -22.64
C SER A 77 14.92 -17.02 -22.21
N ASP A 78 14.73 -17.62 -21.04
CA ASP A 78 15.71 -18.56 -20.50
C ASP A 78 15.07 -19.92 -20.26
N GLN A 79 14.02 -19.94 -19.44
CA GLN A 79 13.32 -21.17 -19.11
C GLN A 79 12.13 -21.39 -20.05
N HIS A 80 11.35 -22.44 -19.78
CA HIS A 80 10.18 -22.76 -20.59
C HIS A 80 8.99 -23.06 -19.69
N SER A 81 8.44 -22.02 -19.09
CA SER A 81 7.29 -22.18 -18.20
C SER A 81 6.12 -21.33 -18.69
N ARG A 82 5.05 -21.30 -17.88
CA ARG A 82 3.85 -20.53 -18.19
C ARG A 82 4.16 -19.04 -18.12
N ASP A 83 5.43 -18.71 -18.29
CA ASP A 83 5.91 -17.33 -18.24
C ASP A 83 5.14 -16.38 -19.14
N ILE A 84 5.32 -16.52 -20.46
CA ILE A 84 4.66 -15.66 -21.44
C ILE A 84 3.22 -15.31 -21.10
N PRO A 85 2.36 -16.32 -20.87
CA PRO A 85 0.96 -16.05 -20.54
C PRO A 85 0.79 -15.09 -19.36
N THR A 86 1.57 -15.29 -18.31
CA THR A 86 1.50 -14.42 -17.13
C THR A 86 1.90 -13.01 -17.51
N TRP A 87 2.92 -12.89 -18.35
CA TRP A 87 3.38 -11.59 -18.82
C TRP A 87 2.22 -10.86 -19.51
N HIS A 88 1.48 -11.58 -20.35
CA HIS A 88 0.36 -10.96 -21.06
C HIS A 88 -0.82 -10.64 -20.13
N GLN A 89 -1.00 -11.46 -19.12
CA GLN A 89 -2.07 -11.26 -18.15
C GLN A 89 -1.81 -9.93 -17.41
N ILE A 90 -0.54 -9.63 -17.15
CA ILE A 90 -0.18 -8.40 -16.46
C ILE A 90 -0.28 -7.21 -17.41
N GLU A 91 0.05 -7.47 -18.67
CA GLU A 91 0.02 -6.46 -19.72
C GLU A 91 -1.39 -5.90 -19.87
N ILE A 92 -2.37 -6.74 -19.61
CA ILE A 92 -3.77 -6.36 -19.71
C ILE A 92 -4.20 -5.37 -18.60
N ASP A 93 -3.59 -5.48 -17.42
CA ASP A 93 -3.93 -4.59 -16.31
C ASP A 93 -3.09 -3.33 -16.15
N ILE A 94 -1.82 -3.38 -16.53
CA ILE A 94 -0.95 -2.22 -16.37
C ILE A 94 -1.49 -0.91 -16.96
N PRO A 95 -1.74 -0.87 -18.27
CA PRO A 95 -2.26 0.34 -18.92
C PRO A 95 -3.55 0.87 -18.29
N ARG A 96 -4.24 0.01 -17.55
CA ARG A 96 -5.51 0.39 -16.93
C ARG A 96 -5.41 0.70 -15.43
N THR A 97 -4.20 0.75 -14.89
CA THR A 97 -3.98 1.04 -13.47
C THR A 97 -3.90 2.57 -13.23
N ASN A 98 -4.60 3.03 -12.19
CA ASN A 98 -4.62 4.46 -11.86
C ASN A 98 -4.83 5.34 -13.08
N PRO A 99 -5.93 5.11 -13.83
CA PRO A 99 -6.20 5.91 -15.02
C PRO A 99 -6.39 7.40 -14.76
N HIS A 100 -6.63 7.75 -13.50
CA HIS A 100 -6.84 9.15 -13.12
C HIS A 100 -5.54 9.88 -12.82
N ILE A 101 -4.41 9.16 -12.81
CA ILE A 101 -3.11 9.77 -12.54
C ILE A 101 -2.21 9.67 -13.76
N PRO A 102 -1.80 10.81 -14.32
CA PRO A 102 -0.93 10.90 -15.50
C PRO A 102 0.31 10.02 -15.47
N LEU A 103 0.99 10.00 -14.32
CA LEU A 103 2.21 9.21 -14.17
C LEU A 103 2.08 7.80 -14.73
N TYR A 104 0.93 7.17 -14.49
CA TYR A 104 0.75 5.80 -14.93
C TYR A 104 0.50 5.53 -16.40
N GLN A 105 0.39 6.59 -17.20
CA GLN A 105 0.20 6.38 -18.63
C GLN A 105 1.53 6.48 -19.37
N PHE A 106 2.56 6.95 -18.68
CA PHE A 106 3.87 7.07 -19.31
C PHE A 106 4.39 5.65 -19.59
N LYS A 107 4.95 5.44 -20.77
CA LYS A 107 5.46 4.13 -21.14
C LYS A 107 6.57 3.63 -20.24
N SER A 108 7.41 4.54 -19.74
CA SER A 108 8.49 4.15 -18.87
C SER A 108 7.93 3.55 -17.59
N VAL A 109 6.84 4.14 -17.10
CA VAL A 109 6.20 3.66 -15.87
C VAL A 109 5.50 2.33 -16.11
N GLN A 110 4.80 2.22 -17.24
CA GLN A 110 4.11 0.97 -17.55
C GLN A 110 5.10 -0.19 -17.66
N ASN A 111 6.22 0.04 -18.35
CA ASN A 111 7.22 -1.01 -18.51
C ASN A 111 7.89 -1.38 -17.17
N SER A 112 8.09 -0.39 -16.31
CA SER A 112 8.68 -0.65 -15.00
C SER A 112 7.75 -1.50 -14.15
N LEU A 113 6.47 -1.10 -14.09
CA LEU A 113 5.50 -1.86 -13.29
C LEU A 113 5.29 -3.26 -13.86
N GLN A 114 5.37 -3.39 -15.18
CA GLN A 114 5.20 -4.69 -15.83
C GLN A 114 6.28 -5.66 -15.32
N ARG A 115 7.52 -5.19 -15.30
CA ARG A 115 8.64 -6.03 -14.85
C ARG A 115 8.53 -6.38 -13.36
N ILE A 116 8.19 -5.39 -12.55
CA ILE A 116 8.05 -5.62 -11.11
C ILE A 116 6.99 -6.66 -10.80
N LEU A 117 5.81 -6.49 -11.39
CA LEU A 117 4.72 -7.42 -11.14
C LEU A 117 4.99 -8.80 -11.73
N TYR A 118 5.65 -8.83 -12.88
CA TYR A 118 5.95 -10.08 -13.54
C TYR A 118 6.88 -10.91 -12.65
N LEU A 119 7.93 -10.27 -12.15
CA LEU A 119 8.90 -10.98 -11.30
C LEU A 119 8.23 -11.51 -10.03
N TRP A 120 7.39 -10.70 -9.41
CA TRP A 120 6.71 -11.15 -8.20
C TRP A 120 5.80 -12.34 -8.54
N ALA A 121 5.08 -12.24 -9.64
CA ALA A 121 4.16 -13.31 -10.05
C ALA A 121 4.90 -14.61 -10.31
N ILE A 122 6.06 -14.53 -10.97
CA ILE A 122 6.85 -15.72 -11.27
C ILE A 122 7.39 -16.35 -9.98
N ARG A 123 7.65 -15.51 -8.99
CA ARG A 123 8.16 -15.99 -7.71
C ARG A 123 7.10 -16.50 -6.75
N HIS A 124 5.83 -16.36 -7.13
CA HIS A 124 4.74 -16.82 -6.28
C HIS A 124 3.71 -17.64 -7.05
N PRO A 125 4.11 -18.86 -7.46
CA PRO A 125 3.25 -19.78 -8.21
C PRO A 125 1.87 -20.04 -7.57
N ALA A 126 1.83 -20.04 -6.25
CA ALA A 126 0.57 -20.28 -5.54
C ALA A 126 -0.43 -19.15 -5.76
N SER A 127 0.06 -17.99 -6.16
CA SER A 127 -0.80 -16.84 -6.40
C SER A 127 -0.84 -16.47 -7.88
N GLY A 128 0.34 -16.36 -8.46
CA GLY A 128 0.44 -15.95 -9.84
C GLY A 128 0.07 -14.48 -9.76
N TYR A 129 -0.27 -13.85 -10.88
CA TYR A 129 -0.66 -12.45 -10.82
C TYR A 129 -2.13 -12.39 -10.39
N VAL A 130 -2.44 -11.49 -9.45
CA VAL A 130 -3.80 -11.35 -8.98
C VAL A 130 -4.19 -9.88 -9.04
N GLN A 131 -5.33 -9.60 -9.66
CA GLN A 131 -5.81 -8.23 -9.76
C GLN A 131 -5.89 -7.67 -8.35
N GLY A 132 -5.31 -6.50 -8.17
CA GLY A 132 -5.28 -5.86 -6.86
C GLY A 132 -3.83 -5.58 -6.51
N ILE A 133 -2.93 -6.48 -6.91
CA ILE A 133 -1.51 -6.31 -6.64
C ILE A 133 -0.98 -5.16 -7.48
N ASN A 134 -1.62 -4.92 -8.62
CA ASN A 134 -1.22 -3.81 -9.50
C ASN A 134 -1.49 -2.49 -8.80
N ASP A 135 -2.49 -2.48 -7.91
CA ASP A 135 -2.79 -1.27 -7.17
C ASP A 135 -1.81 -1.10 -6.01
N LEU A 136 -1.58 -2.19 -5.28
CA LEU A 136 -0.69 -2.15 -4.12
C LEU A 136 0.75 -1.74 -4.38
N VAL A 137 1.24 -2.00 -5.58
CA VAL A 137 2.62 -1.64 -5.89
C VAL A 137 2.81 -0.13 -6.11
N THR A 138 1.74 0.56 -6.52
CA THR A 138 1.87 1.99 -6.83
C THR A 138 2.26 2.99 -5.73
N PRO A 139 1.75 2.83 -4.48
CA PRO A 139 2.16 3.79 -3.45
C PRO A 139 3.68 3.71 -3.20
N PHE A 140 4.23 2.50 -3.29
CA PHE A 140 5.66 2.30 -3.10
C PHE A 140 6.42 2.92 -4.27
N PHE A 141 5.98 2.60 -5.48
CA PHE A 141 6.62 3.09 -6.70
C PHE A 141 6.69 4.61 -6.71
N GLU A 142 5.53 5.22 -6.51
CA GLU A 142 5.40 6.68 -6.51
C GLU A 142 6.22 7.35 -5.40
N THR A 143 6.14 6.81 -4.18
CA THR A 143 6.90 7.38 -3.07
C THR A 143 8.41 7.23 -3.27
N PHE A 144 8.85 6.06 -3.72
CA PHE A 144 10.28 5.87 -3.94
C PHE A 144 10.79 6.74 -5.08
N LEU A 145 9.90 7.07 -6.02
CA LEU A 145 10.25 7.93 -7.15
C LEU A 145 10.62 9.33 -6.67
N THR A 146 9.96 9.80 -5.60
CA THR A 146 10.21 11.16 -5.12
C THR A 146 11.64 11.39 -4.66
N GLU A 147 12.34 10.32 -4.31
CA GLU A 147 13.73 10.45 -3.86
C GLU A 147 14.64 10.91 -5.00
N TYR A 148 14.19 10.74 -6.24
CA TYR A 148 14.99 11.13 -7.41
C TYR A 148 14.69 12.53 -7.94
N LEU A 149 13.75 13.22 -7.30
CA LEU A 149 13.36 14.56 -7.69
C LEU A 149 13.90 15.55 -6.65
N PRO A 150 14.05 16.82 -7.04
CA PRO A 150 14.54 17.81 -6.07
C PRO A 150 13.44 17.89 -5.02
N PRO A 151 13.80 18.05 -3.74
CA PRO A 151 12.76 18.12 -2.69
C PRO A 151 11.64 19.11 -3.02
N SER A 152 12.00 20.21 -3.66
CA SER A 152 11.03 21.24 -4.01
C SER A 152 10.07 20.85 -5.13
N GLN A 153 10.28 19.68 -5.72
CA GLN A 153 9.41 19.23 -6.81
C GLN A 153 8.67 17.93 -6.51
N ILE A 154 8.73 17.46 -5.27
CA ILE A 154 8.06 16.22 -4.90
C ILE A 154 6.56 16.23 -5.16
N ASP A 155 5.93 17.40 -5.02
CA ASP A 155 4.50 17.51 -5.24
C ASP A 155 4.10 17.27 -6.70
N ASP A 156 5.08 17.22 -7.59
CA ASP A 156 4.76 17.01 -9.00
C ASP A 156 5.17 15.64 -9.52
N VAL A 157 5.35 14.71 -8.60
CA VAL A 157 5.75 13.36 -8.99
C VAL A 157 4.70 12.65 -9.85
N GLU A 158 3.44 13.01 -9.68
CA GLU A 158 2.38 12.35 -10.45
C GLU A 158 2.19 12.84 -11.88
N ILE A 159 2.89 13.90 -12.26
CA ILE A 159 2.73 14.43 -13.62
C ILE A 159 4.00 14.46 -14.47
N LYS A 160 5.10 13.96 -13.91
CA LYS A 160 6.36 13.96 -14.66
C LYS A 160 6.84 12.57 -15.05
N ASP A 161 7.34 12.45 -16.28
CA ASP A 161 7.85 11.17 -16.79
C ASP A 161 9.22 10.92 -16.17
N PRO A 162 9.36 9.81 -15.41
CA PRO A 162 10.63 9.45 -14.76
C PRO A 162 11.82 9.39 -15.72
N SER A 163 11.57 9.06 -16.98
CA SER A 163 12.64 8.96 -17.96
C SER A 163 13.21 10.32 -18.33
N THR A 164 12.60 11.39 -17.83
CA THR A 164 13.06 12.74 -18.12
C THR A 164 13.99 13.27 -17.03
N TYR A 165 14.07 12.56 -15.90
CA TYR A 165 14.94 12.98 -14.82
C TYR A 165 15.74 11.84 -14.17
N VAL A 167 18.18 8.16 -15.20
CA VAL A 167 18.81 7.35 -16.23
C VAL A 167 18.35 5.91 -16.02
N ASP A 168 18.51 5.08 -17.04
CA ASP A 168 18.08 3.68 -16.98
C ASP A 168 18.51 2.92 -15.73
N GLU A 169 19.76 3.08 -15.31
CA GLU A 169 20.26 2.38 -14.13
C GLU A 169 19.51 2.76 -12.85
N GLN A 170 19.12 4.02 -12.76
CA GLN A 170 18.39 4.51 -11.58
C GLN A 170 16.97 3.96 -11.59
N ILE A 171 16.35 3.91 -12.77
CA ILE A 171 15.01 3.39 -12.88
C ILE A 171 15.00 1.91 -12.47
N THR A 172 16.05 1.18 -12.82
CA THR A 172 16.14 -0.23 -12.45
C THR A 172 16.35 -0.36 -10.94
N ASP A 173 17.11 0.56 -10.35
CA ASP A 173 17.33 0.54 -8.90
C ASP A 173 15.98 0.78 -8.22
N LEU A 174 15.21 1.73 -8.76
CA LEU A 174 13.89 2.07 -8.24
C LEU A 174 12.98 0.84 -8.31
N GLU A 175 13.04 0.16 -9.45
CA GLU A 175 12.25 -1.04 -9.69
C GLU A 175 12.58 -2.12 -8.64
N ALA A 176 13.87 -2.30 -8.38
CA ALA A 176 14.31 -3.29 -7.41
C ALA A 176 13.79 -2.97 -6.01
N ASP A 177 13.96 -1.73 -5.58
CA ASP A 177 13.50 -1.34 -4.25
C ASP A 177 11.99 -1.53 -4.13
N THR A 178 11.26 -1.12 -5.16
CA THR A 178 9.80 -1.26 -5.19
C THR A 178 9.43 -2.74 -5.09
N PHE A 179 10.09 -3.56 -5.90
CA PHE A 179 9.84 -5.00 -5.92
C PHE A 179 10.06 -5.68 -4.56
N TRP A 180 11.20 -5.42 -3.93
CA TRP A 180 11.49 -6.04 -2.64
C TRP A 180 10.56 -5.54 -1.53
N CYS A 181 10.14 -4.28 -1.62
CA CYS A 181 9.24 -3.76 -0.60
C CYS A 181 7.82 -4.28 -0.84
N LEU A 182 7.43 -4.43 -2.11
CA LEU A 182 6.12 -4.98 -2.42
C LEU A 182 6.12 -6.40 -1.88
N THR A 183 7.24 -7.10 -2.08
CA THR A 183 7.37 -8.47 -1.63
C THR A 183 7.21 -8.55 -0.11
N LYS A 184 7.88 -7.66 0.61
CA LYS A 184 7.80 -7.65 2.08
C LYS A 184 6.38 -7.38 2.56
N LEU A 185 5.68 -6.49 1.86
CA LEU A 185 4.31 -6.14 2.22
C LEU A 185 3.40 -7.36 2.07
N LEU A 186 3.41 -7.96 0.89
CA LEU A 186 2.56 -9.10 0.60
C LEU A 186 2.87 -10.34 1.45
N GLU A 187 4.09 -10.45 1.98
CA GLU A 187 4.42 -11.60 2.80
C GLU A 187 3.68 -11.56 4.14
N GLN A 188 3.14 -10.40 4.49
CA GLN A 188 2.42 -10.25 5.74
C GLN A 188 0.95 -10.66 5.58
N ILE A 189 0.52 -10.76 4.33
CA ILE A 189 -0.87 -11.13 4.01
C ILE A 189 -0.86 -12.11 2.83
N THR A 190 0.04 -13.08 2.89
CA THR A 190 0.18 -14.05 1.82
C THR A 190 -1.11 -14.71 1.34
N ASP A 191 -1.91 -15.24 2.27
CA ASP A 191 -3.13 -15.93 1.87
C ASP A 191 -4.23 -15.03 1.32
N ASN A 192 -4.01 -13.72 1.33
CA ASN A 192 -5.00 -12.80 0.76
C ASN A 192 -4.95 -12.96 -0.76
N TYR A 193 -3.81 -13.40 -1.28
CA TYR A 193 -3.67 -13.51 -2.73
C TYR A 193 -3.46 -14.89 -3.34
N ILE A 194 -3.46 -15.95 -2.54
CA ILE A 194 -3.31 -17.26 -3.15
C ILE A 194 -4.66 -17.58 -3.79
N HIS A 195 -4.67 -18.55 -4.71
CA HIS A 195 -5.89 -18.92 -5.42
C HIS A 195 -7.09 -19.10 -4.49
N GLY A 196 -8.18 -18.40 -4.81
CA GLY A 196 -9.38 -18.46 -4.00
C GLY A 196 -9.40 -17.35 -2.97
N GLN A 197 -8.27 -16.64 -2.86
CA GLN A 197 -8.11 -15.54 -1.93
C GLN A 197 -8.81 -15.77 -0.59
N PRO A 198 -8.48 -16.90 0.07
CA PRO A 198 -9.08 -17.23 1.37
C PRO A 198 -8.86 -16.13 2.39
N GLY A 199 -7.73 -15.44 2.29
CA GLY A 199 -7.43 -14.38 3.23
C GLY A 199 -8.41 -13.21 3.15
N ILE A 200 -8.84 -12.87 1.95
CA ILE A 200 -9.78 -11.77 1.77
C ILE A 200 -11.16 -12.17 2.28
N LEU A 201 -11.59 -13.39 1.97
CA LEU A 201 -12.89 -13.86 2.42
C LEU A 201 -12.93 -13.88 3.94
N ARG A 202 -11.82 -14.25 4.57
CA ARG A 202 -11.74 -14.28 6.03
C ARG A 202 -11.81 -12.85 6.58
N GLN A 203 -11.16 -11.92 5.88
CA GLN A 203 -11.16 -10.51 6.30
C GLN A 203 -12.57 -9.93 6.24
N VAL A 204 -13.28 -10.22 5.15
CA VAL A 204 -14.64 -9.73 4.98
C VAL A 204 -15.54 -10.31 6.06
N LYS A 205 -15.34 -11.59 6.40
CA LYS A 205 -16.14 -12.23 7.46
C LYS A 205 -15.84 -11.57 8.80
N ASN A 206 -14.58 -11.25 9.03
CA ASN A 206 -14.15 -10.60 10.27
C ASN A 206 -14.76 -9.22 10.38
N LEU A 207 -14.84 -8.50 9.28
CA LEU A 207 -15.43 -7.16 9.27
C LEU A 207 -16.93 -7.28 9.57
N SER A 208 -17.56 -8.27 8.95
CA SER A 208 -18.98 -8.53 9.12
C SER A 208 -19.31 -8.77 10.60
N GLN A 209 -18.49 -9.61 11.24
CA GLN A 209 -18.69 -9.95 12.65
C GLN A 209 -18.42 -8.76 13.56
N LEU A 210 -17.42 -7.97 13.22
CA LEU A 210 -17.07 -6.79 14.00
C LEU A 210 -18.24 -5.81 14.01
N VAL A 211 -18.77 -5.52 12.83
CA VAL A 211 -19.87 -4.58 12.70
C VAL A 211 -21.14 -5.09 13.39
N LYS A 212 -21.35 -6.40 13.33
CA LYS A 212 -22.51 -6.98 13.99
C LYS A 212 -22.38 -6.71 15.48
N ARG A 213 -21.14 -6.64 15.94
CA ARG A 213 -20.81 -6.39 17.34
C ARG A 213 -21.00 -4.95 17.82
N ILE A 214 -20.43 -3.99 17.10
CA ILE A 214 -20.52 -2.60 17.53
C ILE A 214 -21.66 -1.76 16.94
N ASP A 215 -22.31 -2.25 15.89
CA ASP A 215 -23.43 -1.52 15.30
C ASP A 215 -24.45 -2.51 14.76
N ALA A 216 -25.10 -3.23 15.67
CA ALA A 216 -26.09 -4.23 15.32
C ALA A 216 -27.20 -3.68 14.45
N ASP A 217 -27.56 -2.41 14.68
CA ASP A 217 -28.62 -1.78 13.91
C ASP A 217 -28.23 -1.64 12.44
N LEU A 218 -26.99 -1.25 12.17
CA LEU A 218 -26.55 -1.11 10.79
C LEU A 218 -26.49 -2.51 10.16
N TYR A 219 -25.98 -3.46 10.93
CA TYR A 219 -25.87 -4.83 10.47
C TYR A 219 -27.26 -5.36 10.07
N ASN A 220 -28.24 -5.14 10.95
CA ASN A 220 -29.61 -5.57 10.69
C ASN A 220 -30.20 -4.86 9.47
N HIS A 221 -29.84 -3.59 9.28
CA HIS A 221 -30.35 -2.84 8.14
C HIS A 221 -29.84 -3.49 6.85
N PHE A 222 -28.55 -3.85 6.85
CA PHE A 222 -27.94 -4.49 5.69
C PHE A 222 -28.69 -5.79 5.37
N GLN A 223 -29.00 -6.57 6.40
CA GLN A 223 -29.73 -7.81 6.19
C GLN A 223 -31.08 -7.55 5.55
N ASN A 224 -31.82 -6.59 6.08
CA ASN A 224 -33.13 -6.26 5.53
C ASN A 224 -33.05 -5.77 4.10
N GLU A 225 -31.97 -5.08 3.75
CA GLU A 225 -31.80 -4.55 2.39
C GLU A 225 -30.96 -5.48 1.52
N HIS A 226 -30.67 -6.66 2.05
N HIS A 226 -30.64 -6.67 2.04
CA HIS A 226 -29.85 -7.68 1.39
CA HIS A 226 -29.86 -7.65 1.32
C HIS A 226 -28.50 -7.17 0.89
C HIS A 226 -28.49 -7.14 0.86
N VAL A 227 -27.84 -6.36 1.73
CA VAL A 227 -26.52 -5.83 1.40
C VAL A 227 -25.51 -6.83 2.00
N GLU A 228 -24.68 -7.41 1.15
CA GLU A 228 -23.68 -8.37 1.61
C GLU A 228 -22.35 -7.65 1.72
N PHE A 229 -21.62 -7.84 2.81
CA PHE A 229 -20.34 -7.17 2.96
C PHE A 229 -19.40 -7.37 1.78
N ILE A 230 -19.42 -8.55 1.17
CA ILE A 230 -18.55 -8.83 0.04
C ILE A 230 -18.80 -7.86 -1.13
N GLN A 231 -20.04 -7.40 -1.28
CA GLN A 231 -20.38 -6.50 -2.38
C GLN A 231 -19.66 -5.15 -2.39
N PHE A 232 -19.11 -4.75 -1.25
CA PHE A 232 -18.39 -3.49 -1.21
C PHE A 232 -17.03 -3.65 -0.53
N ALA A 233 -16.94 -4.59 0.40
CA ALA A 233 -15.71 -4.81 1.16
C ALA A 233 -14.63 -5.63 0.48
N PHE A 234 -14.99 -6.40 -0.55
CA PHE A 234 -13.93 -7.17 -1.19
C PHE A 234 -12.87 -6.21 -1.72
N ARG A 235 -13.31 -5.15 -2.38
N ARG A 235 -13.30 -5.15 -2.38
CA ARG A 235 -12.37 -4.18 -2.93
CA ARG A 235 -12.37 -4.17 -2.92
C ARG A 235 -11.60 -3.48 -1.81
C ARG A 235 -11.59 -3.49 -1.81
N TRP A 236 -12.28 -3.18 -0.71
CA TRP A 236 -11.64 -2.51 0.43
C TRP A 236 -10.48 -3.38 0.91
N ASN A 238 -9.07 -6.21 -0.77
CA ASN A 238 -8.17 -6.55 -1.86
C ASN A 238 -7.14 -5.48 -2.20
N CYS A 239 -7.54 -4.22 -2.14
CA CYS A 239 -6.64 -3.11 -2.48
C CYS A 239 -6.29 -2.25 -1.26
N LEU A 240 -6.53 -2.78 -0.06
CA LEU A 240 -6.25 -2.04 1.17
C LEU A 240 -6.82 -0.61 1.16
N LEU A 241 -8.10 -0.50 0.80
CA LEU A 241 -8.80 0.79 0.75
C LEU A 241 -8.29 1.82 -0.25
N ARG A 243 -8.72 2.14 -3.40
CA ARG A 243 -9.72 2.56 -4.36
C ARG A 243 -10.81 3.43 -3.75
N GLU A 244 -10.68 3.71 -2.45
CA GLU A 244 -11.67 4.52 -1.76
C GLU A 244 -11.15 5.89 -1.35
N PHE A 245 -9.88 6.17 -1.65
CA PHE A 245 -9.27 7.45 -1.27
C PHE A 245 -8.38 7.99 -2.39
N GLN A 246 -8.02 9.27 -2.26
CA GLN A 246 -7.12 9.91 -3.21
C GLN A 246 -5.72 9.39 -2.85
N GLY A 248 -2.92 10.86 -2.30
CA GLY A 248 -2.27 11.58 -1.22
C GLY A 248 -2.73 11.05 0.13
N THR A 249 -4.00 10.72 0.22
CA THR A 249 -4.54 10.18 1.46
C THR A 249 -3.99 8.77 1.70
N VAL A 250 -3.90 7.99 0.63
CA VAL A 250 -3.38 6.63 0.73
C VAL A 250 -1.94 6.66 1.26
N ILE A 251 -1.11 7.54 0.67
CA ILE A 251 0.28 7.67 1.08
C ILE A 251 0.39 7.97 2.57
N ARG A 252 -0.39 8.93 3.03
CA ARG A 252 -0.37 9.31 4.45
C ARG A 252 -0.81 8.14 5.33
N TRP A 254 -0.46 5.00 4.74
CA TRP A 254 0.62 4.02 4.77
C TRP A 254 1.72 4.35 5.79
N ASP A 255 1.91 5.63 6.10
CA ASP A 255 2.93 5.99 7.10
C ASP A 255 2.53 5.26 8.39
N THR A 256 1.24 5.32 8.70
CA THR A 256 0.71 4.69 9.90
C THR A 256 0.63 3.17 9.79
N TYR A 257 0.19 2.65 8.65
CA TYR A 257 0.14 1.21 8.48
C TYR A 257 1.52 0.60 8.66
N LEU A 258 2.54 1.21 8.03
CA LEU A 258 3.90 0.70 8.14
C LEU A 258 4.47 0.85 9.56
N SER A 259 4.09 1.91 10.25
CA SER A 259 4.57 2.14 11.61
C SER A 259 3.90 1.16 12.57
N GLU A 260 2.60 0.96 12.38
CA GLU A 260 1.81 0.07 13.25
C GLU A 260 2.17 -1.41 13.09
N THR A 261 2.46 -1.83 11.86
CA THR A 261 2.79 -3.22 11.61
C THR A 261 4.30 -3.50 11.58
N SER A 262 5.10 -2.44 11.72
CA SER A 262 6.54 -2.61 11.70
C SER A 262 7.01 -3.60 12.76
N SER A 323 0.23 -8.25 11.70
CA SER A 323 -0.90 -7.48 12.20
C SER A 323 -1.51 -6.58 11.13
N LEU A 324 -1.04 -6.69 9.89
CA LEU A 324 -1.58 -5.86 8.82
C LEU A 324 -3.07 -6.13 8.62
N ASN A 325 -3.43 -7.39 8.44
CA ASN A 325 -4.84 -7.75 8.25
C ASN A 325 -5.71 -7.30 9.42
N GLU A 326 -5.24 -7.53 10.63
CA GLU A 326 -5.97 -7.13 11.83
C GLU A 326 -6.22 -5.63 11.87
N PHE A 327 -5.16 -4.84 11.78
CA PHE A 327 -5.32 -3.39 11.81
C PHE A 327 -6.22 -2.89 10.69
N HIS A 328 -6.08 -3.48 9.50
CA HIS A 328 -6.87 -3.05 8.36
C HIS A 328 -8.36 -3.29 8.59
N VAL A 329 -8.70 -4.39 9.24
CA VAL A 329 -10.10 -4.71 9.51
C VAL A 329 -10.72 -3.63 10.41
N PHE A 330 -9.95 -3.17 11.40
CA PHE A 330 -10.48 -2.12 12.28
C PHE A 330 -10.61 -0.78 11.57
N VAL A 331 -9.69 -0.48 10.66
CA VAL A 331 -9.76 0.76 9.89
C VAL A 331 -11.02 0.70 9.02
N CYS A 332 -11.27 -0.47 8.43
CA CYS A 332 -12.45 -0.63 7.58
C CYS A 332 -13.73 -0.50 8.39
N ALA A 333 -13.73 -1.02 9.61
CA ALA A 333 -14.91 -0.94 10.47
C ALA A 333 -15.17 0.53 10.85
N ALA A 334 -14.12 1.24 11.24
CA ALA A 334 -14.26 2.64 11.64
C ALA A 334 -14.70 3.49 10.44
N PHE A 335 -14.19 3.16 9.26
CA PHE A 335 -14.51 3.88 8.04
C PHE A 335 -16.01 3.71 7.75
N LEU A 336 -16.47 2.46 7.76
CA LEU A 336 -17.87 2.15 7.52
C LEU A 336 -18.78 2.81 8.53
N ILE A 337 -18.47 2.62 9.81
CA ILE A 337 -19.30 3.18 10.89
C ILE A 337 -19.47 4.69 10.78
N LYS A 338 -18.49 5.35 10.18
CA LYS A 338 -18.57 6.80 10.04
C LYS A 338 -19.80 7.17 9.20
N TRP A 339 -20.18 6.30 8.27
CA TRP A 339 -21.32 6.54 7.39
C TRP A 339 -22.60 5.89 7.92
N SER A 340 -22.51 5.26 9.08
CA SER A 340 -23.66 4.56 9.66
C SER A 340 -25.01 5.26 9.58
N ASP A 341 -25.11 6.47 10.10
CA ASP A 341 -26.38 7.21 10.07
C ASP A 341 -26.90 7.38 8.64
N GLN A 342 -26.01 7.73 7.72
CA GLN A 342 -26.39 7.92 6.32
C GLN A 342 -26.84 6.61 5.68
N LEU A 343 -26.11 5.53 5.95
CA LEU A 343 -26.43 4.22 5.38
C LEU A 343 -27.81 3.71 5.81
N GLU A 345 -30.47 5.07 5.88
CA GLU A 345 -31.56 5.60 5.04
C GLU A 345 -31.46 5.17 3.59
N ASP A 347 -31.22 2.05 0.43
CA ASP A 347 -31.60 0.69 0.07
C ASP A 347 -30.40 0.05 -0.62
N PHE A 348 -30.57 -1.17 -1.15
CA PHE A 348 -29.47 -1.86 -1.79
C PHE A 348 -28.65 -1.05 -2.79
N GLN A 349 -29.29 -0.59 -3.87
CA GLN A 349 -28.60 0.17 -4.90
C GLN A 349 -27.89 1.42 -4.38
N GLU A 350 -28.57 2.16 -3.52
CA GLU A 350 -27.98 3.39 -2.98
C GLU A 350 -26.76 3.07 -2.13
N THR A 351 -26.86 2.02 -1.33
CA THR A 351 -25.77 1.59 -0.45
C THR A 351 -24.53 1.16 -1.21
N ILE A 352 -24.70 0.25 -2.17
CA ILE A 352 -23.56 -0.23 -2.96
C ILE A 352 -22.88 0.92 -3.70
N THR A 353 -23.69 1.77 -4.34
CA THR A 353 -23.16 2.90 -5.07
C THR A 353 -22.35 3.80 -4.13
N PHE A 354 -22.90 4.07 -2.95
CA PHE A 354 -22.24 4.91 -1.96
C PHE A 354 -20.93 4.35 -1.41
N LEU A 355 -20.93 3.08 -1.01
CA LEU A 355 -19.74 2.46 -0.45
C LEU A 355 -18.64 2.17 -1.47
N GLN A 356 -18.97 2.19 -2.76
CA GLN A 356 -17.97 1.97 -3.80
C GLN A 356 -17.53 3.33 -4.33
N ASN A 357 -18.12 4.39 -3.78
CA ASN A 357 -17.78 5.75 -4.18
C ASN A 357 -17.94 6.71 -2.99
N PRO A 358 -17.28 6.41 -1.87
CA PRO A 358 -17.34 7.24 -0.66
C PRO A 358 -16.89 8.67 -0.91
N PRO A 359 -17.52 9.65 -0.24
CA PRO A 359 -17.19 11.06 -0.39
C PRO A 359 -15.93 11.44 0.40
N THR A 360 -14.78 10.93 -0.06
CA THR A 360 -13.51 11.18 0.60
C THR A 360 -12.58 12.07 -0.23
N LYS A 361 -13.12 12.58 -1.32
CA LYS A 361 -12.36 13.44 -2.23
C LYS A 361 -11.63 14.60 -1.56
N ASP A 362 -12.30 15.25 -0.62
CA ASP A 362 -11.71 16.39 0.07
C ASP A 362 -11.20 16.10 1.47
N TRP A 363 -10.98 14.83 1.79
CA TRP A 363 -10.47 14.48 3.12
C TRP A 363 -9.10 15.12 3.33
N THR A 364 -8.86 15.58 4.55
CA THR A 364 -7.59 16.21 4.90
C THR A 364 -6.82 15.35 5.89
N GLU A 365 -5.67 15.86 6.31
CA GLU A 365 -4.82 15.17 7.28
C GLU A 365 -5.62 14.89 8.54
N THR A 366 -6.45 15.85 8.92
CA THR A 366 -7.27 15.72 10.12
C THR A 366 -8.25 14.55 10.03
N ASP A 367 -8.89 14.42 8.88
CA ASP A 367 -9.87 13.36 8.65
C ASP A 367 -9.22 11.97 8.70
N ILE A 368 -8.08 11.84 8.05
N ILE A 368 -8.07 11.81 8.05
CA ILE A 368 -7.35 10.57 7.99
CA ILE A 368 -7.42 10.51 8.02
C ILE A 368 -6.79 10.19 9.36
C ILE A 368 -6.78 10.17 9.37
N GLU A 369 -6.23 11.17 10.05
CA GLU A 369 -5.63 10.97 11.36
C GLU A 369 -6.71 10.53 12.36
N LEU A 371 -9.53 8.84 11.65
CA LEU A 371 -9.92 7.47 11.32
C LEU A 371 -8.91 6.46 11.89
N LEU A 372 -7.63 6.72 11.63
CA LEU A 372 -6.57 5.83 12.10
C LEU A 372 -6.53 5.75 13.62
N SER A 373 -6.65 6.89 14.28
N SER A 373 -6.64 6.89 14.29
CA SER A 373 -6.63 6.94 15.74
CA SER A 373 -6.62 6.92 15.75
C SER A 373 -7.77 6.11 16.32
C SER A 373 -7.77 6.10 16.31
N GLU A 374 -8.95 6.24 15.71
CA GLU A 374 -10.13 5.50 16.15
C GLU A 374 -9.91 4.00 15.97
N ALA A 375 -9.45 3.60 14.79
CA ALA A 375 -9.19 2.19 14.53
C ALA A 375 -8.19 1.63 15.53
N PHE A 376 -7.20 2.44 15.91
CA PHE A 376 -6.19 2.00 16.86
C PHE A 376 -6.80 1.72 18.22
N ILE A 377 -7.67 2.63 18.67
CA ILE A 377 -8.34 2.47 19.95
C ILE A 377 -9.23 1.23 19.92
N TRP A 378 -9.99 1.05 18.84
CA TRP A 378 -10.88 -0.12 18.75
C TRP A 378 -10.08 -1.41 18.80
N GLN A 379 -8.97 -1.44 18.06
CA GLN A 379 -8.12 -2.61 18.04
C GLN A 379 -7.53 -2.89 19.42
N SER A 380 -7.12 -1.84 20.12
N SER A 380 -7.12 -1.84 20.12
CA SER A 380 -6.53 -1.98 21.44
CA SER A 380 -6.54 -2.01 21.44
C SER A 380 -7.54 -2.55 22.44
C SER A 380 -7.55 -2.59 22.42
N LEU A 381 -8.79 -2.13 22.31
CA LEU A 381 -9.84 -2.61 23.19
C LEU A 381 -10.13 -4.08 22.94
N TYR A 382 -10.15 -4.45 21.67
CA TYR A 382 -10.44 -5.82 21.29
C TYR A 382 -9.38 -6.81 21.75
N LYS A 383 -8.13 -6.38 21.78
CA LYS A 383 -7.04 -7.26 22.21
C LYS A 383 -6.95 -7.37 23.73
#